data_5NCM
#
_entry.id   5NCM
#
_cell.length_a   126.270
_cell.length_b   126.270
_cell.length_c   49.340
_cell.angle_alpha   90.00
_cell.angle_beta   90.00
_cell.angle_gamma   90.00
#
_symmetry.space_group_name_H-M   'P 41 21 2'
#
loop_
_entity.id
_entity.type
_entity.pdbx_description
1 polymer 'CBK1 kinase activator protein MOB2'
2 polymer 'Serine/threonine-protein kinase CBK1'
3 non-polymer 'ZINC ION'
#
loop_
_entity_poly.entity_id
_entity_poly.type
_entity_poly.pdbx_seq_one_letter_code
_entity_poly.pdbx_strand_id
1 'polypeptide(L)'
;GSLRNKHHSPKRHSQTSFPAQKSTPQSQQLTSTTPQSQQQEASERSESQQIMFLSEPFVRTALVKGSFKTIVQLPKYVDL
GEWIALNVFEFFTNLNQFYGVVAEYCTPDACPTMNAGPHTDYLWLDANNRQVSLPASQYIDLALTWINNKVNDKNLFPTK
NGLPFPQQFSRDVQRIMVQMFRIFAHIYHHHFDKIVHLSLEAHWNSFFSHFISFAKEFKIIDRKEMAPLLPLIESFEKQG
KIIYN
;
A
2 'polypeptide(L)'
;GSASSPVQSGFNNGTISNYMYFERRPDLLTKGTQDKAAAVKLKIENFYQSSVKYAIERNERRVELETELTSHNWSEERKS
RQLSSLGKKESQFLRLRRTRLSLED
;
B
#
# COMPACT_ATOMS: atom_id res chain seq x y z
N GLN A 50 -7.90 -24.91 0.93
CA GLN A 50 -7.61 -24.20 2.17
C GLN A 50 -7.74 -22.69 1.99
N ILE A 51 -8.98 -22.19 2.00
CA ILE A 51 -9.25 -20.76 1.97
C ILE A 51 -9.80 -20.36 3.31
N MET A 52 -9.55 -19.11 3.69
CA MET A 52 -9.98 -18.62 4.98
C MET A 52 -10.86 -17.39 4.81
N PHE A 53 -11.69 -17.13 5.82
CA PHE A 53 -12.86 -16.27 5.69
C PHE A 53 -12.55 -14.94 6.36
N LEU A 54 -12.26 -13.94 5.55
CA LEU A 54 -12.05 -12.57 6.01
C LEU A 54 -13.31 -11.72 5.91
N SER A 55 -14.47 -12.34 5.64
CA SER A 55 -15.74 -11.65 5.50
C SER A 55 -16.60 -11.70 6.76
N GLU A 56 -16.09 -12.31 7.84
CA GLU A 56 -16.72 -12.51 9.13
C GLU A 56 -16.70 -11.19 9.90
N PRO A 57 -16.97 -11.12 11.22
CA PRO A 57 -16.86 -9.80 11.89
C PRO A 57 -15.46 -9.23 11.86
N PHE A 58 -14.47 -10.01 11.44
CA PHE A 58 -13.12 -9.50 11.23
C PHE A 58 -13.03 -8.48 10.10
N VAL A 59 -14.15 -8.18 9.42
CA VAL A 59 -14.20 -7.03 8.53
C VAL A 59 -14.31 -5.78 9.42
N ARG A 60 -13.50 -5.74 10.46
CA ARG A 60 -13.29 -4.56 11.27
C ARG A 60 -11.93 -4.00 10.90
N THR A 61 -11.92 -2.74 10.50
CA THR A 61 -10.69 -2.03 10.17
C THR A 61 -10.58 -0.86 11.10
N ALA A 62 -9.58 -0.87 11.97
CA ALA A 62 -9.29 0.32 12.74
C ALA A 62 -8.37 1.20 11.90
N LEU A 63 -7.88 2.28 12.49
CA LEU A 63 -6.92 3.18 11.83
C LEU A 63 -7.47 3.73 10.52
N VAL A 64 -8.79 3.70 10.32
CA VAL A 64 -9.40 4.10 9.04
C VAL A 64 -10.65 4.94 9.34
N LYS A 65 -10.48 6.00 10.13
CA LYS A 65 -11.58 6.94 10.34
C LYS A 65 -12.04 7.54 9.02
N GLY A 66 -11.10 7.79 8.09
CA GLY A 66 -11.43 8.30 6.79
C GLY A 66 -11.51 7.20 5.75
N SER A 67 -11.62 7.63 4.49
CA SER A 67 -11.72 6.70 3.37
C SER A 67 -10.46 6.68 2.51
N PHE A 68 -9.36 7.24 3.02
CA PHE A 68 -8.04 7.29 2.38
C PHE A 68 -7.98 8.28 1.22
N LYS A 69 -9.00 9.12 1.01
CA LYS A 69 -8.99 10.01 -0.14
C LYS A 69 -7.87 11.04 -0.04
N THR A 70 -7.60 11.53 1.17
CA THR A 70 -6.64 12.63 1.32
C THR A 70 -5.21 12.16 1.10
N ILE A 71 -4.85 10.98 1.63
CA ILE A 71 -3.46 10.51 1.55
C ILE A 71 -3.15 9.76 0.27
N VAL A 72 -4.15 9.47 -0.55
CA VAL A 72 -3.92 8.79 -1.83
C VAL A 72 -3.97 9.77 -2.99
N GLN A 73 -4.88 10.74 -2.94
CA GLN A 73 -5.04 11.71 -4.02
C GLN A 73 -3.72 12.42 -4.32
N LEU A 74 -3.41 12.52 -5.61
CA LEU A 74 -2.20 13.21 -6.05
C LEU A 74 -2.20 14.63 -5.50
N PRO A 75 -1.17 15.03 -4.75
CA PRO A 75 -1.11 16.40 -4.23
C PRO A 75 -1.04 17.39 -5.38
N LYS A 76 -1.85 18.44 -5.31
CA LYS A 76 -1.96 19.41 -6.39
C LYS A 76 -0.60 20.05 -6.66
N TYR A 77 -0.25 20.16 -7.95
CA TYR A 77 0.99 20.71 -8.50
C TYR A 77 2.21 19.82 -8.28
N VAL A 78 2.06 18.67 -7.63
CA VAL A 78 3.17 17.76 -7.39
C VAL A 78 3.35 16.84 -8.59
N ASP A 79 4.60 16.58 -8.96
CA ASP A 79 4.89 15.71 -10.10
C ASP A 79 4.26 14.33 -9.90
N LEU A 80 3.61 13.84 -10.95
CA LEU A 80 2.88 12.58 -10.84
C LEU A 80 3.84 11.40 -10.66
N GLY A 81 5.01 11.47 -11.28
CA GLY A 81 5.99 10.40 -11.12
C GLY A 81 6.52 10.30 -9.71
N GLU A 82 6.79 11.44 -9.07
CA GLU A 82 7.30 11.42 -7.71
C GLU A 82 6.27 10.88 -6.74
N TRP A 83 4.99 11.12 -7.01
CA TRP A 83 3.94 10.66 -6.11
C TRP A 83 3.82 9.14 -6.16
N ILE A 84 3.79 8.56 -7.36
CA ILE A 84 3.72 7.10 -7.47
C ILE A 84 4.98 6.46 -6.91
N ALA A 85 6.15 7.03 -7.23
CA ALA A 85 7.41 6.41 -6.83
C ALA A 85 7.54 6.32 -5.31
N LEU A 86 7.07 7.34 -4.60
CA LEU A 86 7.16 7.32 -3.13
C LEU A 86 6.19 6.31 -2.53
N ASN A 87 4.95 6.26 -3.03
CA ASN A 87 3.95 5.38 -2.44
C ASN A 87 4.27 3.91 -2.72
N VAL A 88 4.76 3.60 -3.91
CA VAL A 88 5.09 2.21 -4.26
C VAL A 88 6.21 1.71 -3.34
N PHE A 89 7.26 2.51 -3.16
CA PHE A 89 8.31 2.16 -2.21
C PHE A 89 7.73 2.00 -0.81
N GLU A 90 6.84 2.89 -0.40
CA GLU A 90 6.23 2.80 0.92
C GLU A 90 5.41 1.51 1.06
N PHE A 91 4.59 1.20 0.05
CA PHE A 91 3.80 -0.03 0.10
C PHE A 91 4.69 -1.25 0.17
N PHE A 92 5.78 -1.28 -0.61
CA PHE A 92 6.67 -2.43 -0.59
C PHE A 92 7.35 -2.58 0.77
N THR A 93 7.79 -1.46 1.36
CA THR A 93 8.46 -1.53 2.66
C THR A 93 7.55 -2.08 3.74
N ASN A 94 6.30 -1.62 3.78
CA ASN A 94 5.36 -2.10 4.79
C ASN A 94 4.87 -3.51 4.49
N LEU A 95 4.70 -3.85 3.22
CA LEU A 95 4.24 -5.20 2.88
C LEU A 95 5.32 -6.24 3.17
N ASN A 96 6.59 -5.91 2.86
CA ASN A 96 7.69 -6.82 3.19
C ASN A 96 7.77 -7.07 4.68
N GLN A 97 7.54 -6.03 5.49
CA GLN A 97 7.56 -6.20 6.94
C GLN A 97 6.32 -6.93 7.43
N PHE A 98 5.18 -6.66 6.81
CA PHE A 98 3.96 -7.38 7.18
C PHE A 98 4.09 -8.87 6.89
N TYR A 99 4.68 -9.23 5.75
CA TYR A 99 4.89 -10.63 5.43
C TYR A 99 5.90 -11.26 6.37
N GLY A 100 6.79 -10.46 6.95
CA GLY A 100 7.84 -11.00 7.80
C GLY A 100 7.31 -11.67 9.06
N VAL A 101 6.17 -11.20 9.56
CA VAL A 101 5.62 -11.79 10.78
C VAL A 101 4.94 -13.12 10.48
N VAL A 102 4.40 -13.28 9.27
CA VAL A 102 3.74 -14.52 8.89
C VAL A 102 4.63 -15.44 8.08
N ALA A 103 5.89 -15.04 7.84
CA ALA A 103 6.79 -15.86 7.03
C ALA A 103 7.13 -17.17 7.72
N GLU A 104 7.05 -17.22 9.05
CA GLU A 104 7.38 -18.44 9.77
C GLU A 104 6.41 -19.57 9.46
N TYR A 105 5.16 -19.25 9.16
CA TYR A 105 4.10 -20.24 9.01
C TYR A 105 3.66 -20.40 7.56
N CYS A 106 4.44 -19.88 6.61
CA CYS A 106 4.19 -20.05 5.19
C CYS A 106 5.25 -21.03 4.68
N THR A 107 4.98 -22.31 4.82
CA THR A 107 5.86 -23.36 4.36
C THR A 107 5.04 -24.26 3.44
N PRO A 108 5.58 -24.66 2.26
CA PRO A 108 4.75 -25.21 1.18
C PRO A 108 3.27 -24.85 1.19
N ASP A 109 2.54 -25.32 2.20
CA ASP A 109 1.12 -25.00 2.35
C ASP A 109 0.76 -24.90 3.82
N ASN A 115 0.70 -22.23 -2.29
CA ASN A 115 1.33 -21.47 -3.36
C ASN A 115 0.48 -20.29 -3.80
N ALA A 116 -0.84 -20.38 -3.57
CA ALA A 116 -1.76 -19.29 -3.82
C ALA A 116 -3.14 -19.66 -3.29
N GLY A 117 -4.16 -18.91 -3.72
CA GLY A 117 -5.49 -19.07 -3.18
C GLY A 117 -6.29 -20.14 -3.89
N PRO A 118 -7.56 -20.27 -3.50
CA PRO A 118 -8.42 -21.27 -4.12
C PRO A 118 -8.79 -20.87 -5.53
N HIS A 119 -9.02 -21.88 -6.37
CA HIS A 119 -9.33 -21.71 -7.79
C HIS A 119 -8.24 -20.93 -8.52
N THR A 120 -7.95 -19.70 -8.10
CA THR A 120 -6.90 -18.89 -8.72
C THR A 120 -5.57 -19.19 -8.03
N ASP A 121 -4.64 -19.78 -8.78
CA ASP A 121 -3.32 -20.14 -8.26
C ASP A 121 -2.26 -19.44 -9.11
N TYR A 122 -1.56 -18.48 -8.50
CA TYR A 122 -0.53 -17.74 -9.20
C TYR A 122 0.71 -18.61 -9.42
N LEU A 123 1.47 -18.26 -10.45
CA LEU A 123 2.60 -19.08 -10.88
C LEU A 123 3.74 -18.18 -11.33
N TRP A 124 4.89 -18.36 -10.71
CA TRP A 124 6.14 -17.80 -11.21
C TRP A 124 6.87 -18.76 -12.14
N LEU A 125 6.37 -19.99 -12.28
CA LEU A 125 6.99 -21.03 -13.10
C LEU A 125 6.24 -21.13 -14.42
N ASP A 126 6.92 -20.79 -15.51
CA ASP A 126 6.36 -20.92 -16.85
C ASP A 126 7.47 -20.77 -17.88
N ALA A 127 7.77 -19.54 -18.28
CA ALA A 127 8.85 -19.27 -19.21
C ALA A 127 10.18 -19.24 -18.46
N ASN A 128 11.23 -18.76 -19.12
CA ASN A 128 12.56 -18.70 -18.52
C ASN A 128 13.41 -17.66 -19.24
N LEU A 134 6.01 -22.35 -7.87
CA LEU A 134 6.79 -22.65 -6.68
C LEU A 134 5.90 -22.60 -5.45
N PRO A 135 6.35 -23.17 -4.33
CA PRO A 135 5.58 -23.04 -3.09
C PRO A 135 5.40 -21.58 -2.70
N ALA A 136 4.47 -21.36 -1.76
CA ALA A 136 4.09 -20.00 -1.41
C ALA A 136 5.26 -19.22 -0.83
N SER A 137 6.11 -19.88 -0.05
CA SER A 137 7.28 -19.20 0.51
C SER A 137 8.26 -18.82 -0.59
N GLN A 138 8.38 -19.64 -1.63
CA GLN A 138 9.40 -19.43 -2.64
C GLN A 138 9.06 -18.25 -3.54
N TYR A 139 7.83 -18.19 -4.04
CA TYR A 139 7.48 -17.14 -5.00
C TYR A 139 7.32 -15.78 -4.33
N ILE A 140 6.98 -15.75 -3.04
CA ILE A 140 6.93 -14.48 -2.34
C ILE A 140 8.34 -13.98 -2.03
N ASP A 141 9.23 -14.87 -1.59
CA ASP A 141 10.59 -14.45 -1.27
C ASP A 141 11.31 -13.94 -2.52
N LEU A 142 11.07 -14.59 -3.67
CA LEU A 142 11.68 -14.11 -4.90
C LEU A 142 11.05 -12.80 -5.35
N ALA A 143 9.72 -12.66 -5.20
CA ALA A 143 9.05 -11.44 -5.62
C ALA A 143 9.45 -10.27 -4.74
N LEU A 144 9.51 -10.48 -3.43
CA LEU A 144 9.93 -9.42 -2.51
C LEU A 144 11.34 -8.96 -2.85
N THR A 145 12.27 -9.89 -3.01
CA THR A 145 13.64 -9.53 -3.37
C THR A 145 13.67 -8.79 -4.70
N TRP A 146 12.85 -9.23 -5.66
CA TRP A 146 12.84 -8.59 -6.97
C TRP A 146 12.35 -7.15 -6.88
N ILE A 147 11.25 -6.92 -6.17
CA ILE A 147 10.74 -5.55 -6.01
C ILE A 147 11.78 -4.68 -5.33
N ASN A 148 12.50 -5.24 -4.35
CA ASN A 148 13.55 -4.48 -3.68
C ASN A 148 14.64 -4.06 -4.66
N ASN A 149 15.00 -4.94 -5.60
CA ASN A 149 16.00 -4.58 -6.60
C ASN A 149 15.50 -3.48 -7.52
N LYS A 150 14.24 -3.57 -7.95
CA LYS A 150 13.70 -2.56 -8.86
C LYS A 150 13.44 -1.25 -8.13
N VAL A 151 13.03 -1.31 -6.86
CA VAL A 151 12.68 -0.10 -6.13
C VAL A 151 13.94 0.68 -5.75
N ASN A 152 15.05 -0.02 -5.51
CA ASN A 152 16.34 0.62 -5.29
C ASN A 152 17.13 0.81 -6.58
N ASP A 153 16.56 0.43 -7.72
CA ASP A 153 17.21 0.60 -9.02
C ASP A 153 17.17 2.07 -9.39
N LYS A 154 18.32 2.73 -9.38
CA LYS A 154 18.40 4.15 -9.73
C LYS A 154 17.96 4.41 -11.16
N ASN A 155 17.98 3.39 -12.02
CA ASN A 155 17.45 3.54 -13.37
C ASN A 155 16.01 4.01 -13.34
N LEU A 156 15.15 3.31 -12.60
CA LEU A 156 13.74 3.66 -12.55
C LEU A 156 13.38 4.60 -11.41
N PHE A 157 14.11 4.55 -10.31
CA PHE A 157 13.81 5.34 -9.11
C PHE A 157 15.02 6.21 -8.78
N PRO A 158 15.25 7.28 -9.55
CA PRO A 158 16.45 8.10 -9.32
C PRO A 158 16.35 8.90 -8.03
N THR A 159 17.46 8.97 -7.30
CA THR A 159 17.53 9.76 -6.09
C THR A 159 18.21 11.11 -6.29
N LYS A 160 18.97 11.28 -7.37
CA LYS A 160 19.52 12.59 -7.71
C LYS A 160 18.41 13.52 -8.16
N ASN A 161 18.64 14.83 -7.99
CA ASN A 161 17.56 15.79 -8.18
C ASN A 161 17.24 16.02 -9.65
N GLY A 162 18.25 16.09 -10.51
CA GLY A 162 18.00 16.41 -11.91
C GLY A 162 17.46 15.27 -12.73
N LEU A 163 17.67 14.03 -12.30
CA LEU A 163 17.34 12.89 -13.15
C LEU A 163 15.84 12.61 -13.11
N PRO A 164 15.22 12.34 -14.28
CA PRO A 164 13.79 12.00 -14.28
C PRO A 164 13.54 10.49 -14.43
N PHE A 165 12.27 10.10 -14.29
CA PHE A 165 11.91 8.69 -14.45
C PHE A 165 11.86 8.33 -15.94
N PRO A 166 12.40 7.17 -16.33
CA PRO A 166 12.38 6.79 -17.75
C PRO A 166 10.99 6.45 -18.25
N GLN A 167 10.92 6.09 -19.54
CA GLN A 167 9.64 5.75 -20.16
C GLN A 167 9.13 4.40 -19.67
N GLN A 168 10.05 3.49 -19.33
CA GLN A 168 9.64 2.21 -18.77
C GLN A 168 8.94 2.34 -17.43
N PHE A 169 9.13 3.47 -16.74
CA PHE A 169 8.67 3.62 -15.36
C PHE A 169 7.20 3.25 -15.18
N SER A 170 6.33 3.73 -16.08
CA SER A 170 4.90 3.50 -15.90
C SER A 170 4.55 2.03 -15.98
N ARG A 171 5.23 1.28 -16.86
CA ARG A 171 4.89 -0.13 -17.02
C ARG A 171 5.40 -0.97 -15.85
N ASP A 172 6.62 -0.69 -15.38
CA ASP A 172 7.16 -1.48 -14.29
C ASP A 172 6.41 -1.24 -12.99
N VAL A 173 5.96 0.00 -12.77
CA VAL A 173 5.09 0.27 -11.63
C VAL A 173 3.85 -0.61 -11.69
N GLN A 174 3.29 -0.79 -12.89
CA GLN A 174 2.18 -1.72 -13.04
C GLN A 174 2.60 -3.15 -12.71
N ARG A 175 3.83 -3.51 -13.06
CA ARG A 175 4.34 -4.84 -12.73
C ARG A 175 4.66 -4.97 -11.25
N ILE A 176 5.10 -3.89 -10.60
CA ILE A 176 5.43 -3.99 -9.19
C ILE A 176 4.17 -4.06 -8.34
N MET A 177 3.11 -3.35 -8.76
CA MET A 177 1.88 -3.34 -7.97
C MET A 177 1.20 -4.71 -7.98
N VAL A 178 1.18 -5.39 -9.11
CA VAL A 178 0.44 -6.64 -9.18
C VAL A 178 1.09 -7.71 -8.32
N GLN A 179 2.42 -7.75 -8.28
CA GLN A 179 3.09 -8.72 -7.43
C GLN A 179 2.77 -8.46 -5.97
N MET A 180 2.72 -7.19 -5.57
CA MET A 180 2.31 -6.87 -4.20
C MET A 180 0.89 -7.34 -3.94
N PHE A 181 0.01 -7.22 -4.94
CA PHE A 181 -1.34 -7.75 -4.77
C PHE A 181 -1.33 -9.26 -4.68
N ARG A 182 -0.47 -9.93 -5.46
CA ARG A 182 -0.38 -11.38 -5.39
C ARG A 182 0.21 -11.82 -4.06
N ILE A 183 1.13 -11.03 -3.50
CA ILE A 183 1.63 -11.32 -2.15
C ILE A 183 0.54 -11.02 -1.13
N PHE A 184 -0.31 -10.02 -1.40
CA PHE A 184 -1.49 -9.80 -0.57
C PHE A 184 -2.42 -10.99 -0.59
N ALA A 185 -2.43 -11.75 -1.69
CA ALA A 185 -3.41 -12.83 -1.85
C ALA A 185 -3.11 -14.00 -0.92
N HIS A 186 -1.86 -14.49 -0.96
CA HIS A 186 -1.52 -15.67 -0.16
C HIS A 186 -1.69 -15.43 1.33
N ILE A 187 -1.33 -14.24 1.81
CA ILE A 187 -1.46 -13.96 3.24
C ILE A 187 -2.92 -13.89 3.64
N TYR A 188 -3.73 -13.18 2.86
CA TYR A 188 -5.16 -13.11 3.12
C TYR A 188 -5.83 -14.47 2.97
N HIS A 189 -5.39 -15.25 1.97
CA HIS A 189 -6.05 -16.52 1.70
C HIS A 189 -5.57 -17.62 2.66
N HIS A 190 -4.28 -17.65 3.00
CA HIS A 190 -3.72 -18.79 3.70
C HIS A 190 -3.05 -18.48 5.03
N HIS A 191 -2.65 -17.23 5.30
CA HIS A 191 -1.97 -16.91 6.54
C HIS A 191 -2.64 -15.75 7.27
N PHE A 192 -3.94 -15.57 7.05
CA PHE A 192 -4.67 -14.47 7.65
C PHE A 192 -5.13 -14.79 9.07
N ASP A 193 -5.34 -16.07 9.39
CA ASP A 193 -5.81 -16.40 10.73
C ASP A 193 -4.70 -16.33 11.78
N LYS A 194 -3.44 -16.17 11.37
CA LYS A 194 -2.43 -15.82 12.36
C LYS A 194 -2.40 -14.31 12.60
N ILE A 195 -2.80 -13.53 11.59
CA ILE A 195 -3.03 -12.10 11.78
C ILE A 195 -4.07 -11.86 12.86
N VAL A 196 -5.13 -12.68 12.88
CA VAL A 196 -6.16 -12.53 13.89
C VAL A 196 -5.63 -12.92 15.28
N HIS A 197 -4.77 -13.95 15.32
CA HIS A 197 -4.14 -14.31 16.59
C HIS A 197 -3.33 -13.15 17.15
N LEU A 198 -2.61 -12.44 16.28
CA LEU A 198 -1.74 -11.34 16.67
C LEU A 198 -2.48 -10.01 16.79
N SER A 199 -3.81 -10.02 16.70
CA SER A 199 -4.62 -8.81 16.81
C SER A 199 -4.23 -7.78 15.75
N LEU A 200 -3.81 -8.24 14.58
CA LEU A 200 -3.33 -7.39 13.51
C LEU A 200 -4.36 -7.17 12.41
N GLU A 201 -5.56 -7.74 12.53
CA GLU A 201 -6.57 -7.57 11.49
C GLU A 201 -6.96 -6.11 11.34
N ALA A 202 -6.80 -5.32 12.40
CA ALA A 202 -7.11 -3.88 12.30
C ALA A 202 -6.13 -3.19 11.37
N HIS A 203 -4.84 -3.47 11.54
CA HIS A 203 -3.82 -2.82 10.72
C HIS A 203 -3.76 -3.41 9.31
N TRP A 204 -3.93 -4.73 9.19
CA TRP A 204 -3.84 -5.38 7.89
C TRP A 204 -5.02 -5.03 6.99
N ASN A 205 -6.21 -4.87 7.59
CA ASN A 205 -7.37 -4.47 6.80
C ASN A 205 -7.22 -3.06 6.27
N SER A 206 -6.81 -2.13 7.14
CA SER A 206 -6.62 -0.74 6.71
C SER A 206 -5.47 -0.62 5.72
N PHE A 207 -4.44 -1.47 5.85
CA PHE A 207 -3.34 -1.44 4.90
C PHE A 207 -3.78 -1.89 3.52
N PHE A 208 -4.67 -2.88 3.44
CA PHE A 208 -5.15 -3.35 2.15
C PHE A 208 -6.11 -2.35 1.53
N SER A 209 -7.00 -1.77 2.33
CA SER A 209 -7.93 -0.77 1.81
C SER A 209 -7.18 0.44 1.28
N HIS A 210 -6.13 0.88 1.98
CA HIS A 210 -5.28 1.95 1.47
C HIS A 210 -4.59 1.54 0.17
N PHE A 211 -4.08 0.30 0.13
CA PHE A 211 -3.44 -0.20 -1.08
C PHE A 211 -4.43 -0.28 -2.24
N ILE A 212 -5.64 -0.77 -1.97
CA ILE A 212 -6.63 -0.92 -3.03
C ILE A 212 -7.14 0.45 -3.48
N SER A 213 -7.39 1.36 -2.53
CA SER A 213 -7.77 2.71 -2.90
C SER A 213 -6.71 3.36 -3.77
N PHE A 214 -5.44 3.08 -3.51
CA PHE A 214 -4.36 3.58 -4.36
C PHE A 214 -4.42 2.93 -5.74
N ALA A 215 -4.87 1.67 -5.82
CA ALA A 215 -4.95 1.00 -7.10
C ALA A 215 -6.05 1.59 -7.98
N LYS A 216 -7.21 1.89 -7.38
CA LYS A 216 -8.32 2.45 -8.15
C LYS A 216 -8.02 3.88 -8.59
N GLU A 217 -7.47 4.69 -7.68
CA GLU A 217 -7.33 6.12 -7.94
C GLU A 217 -6.51 6.39 -9.19
N PHE A 218 -5.36 5.73 -9.32
CA PHE A 218 -4.47 5.93 -10.46
C PHE A 218 -4.61 4.84 -11.51
N LYS A 219 -5.55 3.92 -11.33
CA LYS A 219 -5.85 2.86 -12.30
C LYS A 219 -4.59 2.08 -12.68
N ILE A 220 -3.79 1.77 -11.65
CA ILE A 220 -2.58 0.98 -11.87
C ILE A 220 -2.87 -0.51 -11.92
N ILE A 221 -4.02 -0.94 -11.41
CA ILE A 221 -4.37 -2.36 -11.38
C ILE A 221 -5.73 -2.55 -12.05
N ASP A 222 -5.81 -3.54 -12.93
CA ASP A 222 -7.07 -3.85 -13.61
C ASP A 222 -8.08 -4.42 -12.63
N ARG A 223 -9.36 -4.08 -12.85
CA ARG A 223 -10.43 -4.65 -12.04
C ARG A 223 -10.39 -6.17 -12.06
N LYS A 224 -10.15 -6.75 -13.24
CA LYS A 224 -10.11 -8.21 -13.37
C LYS A 224 -9.09 -8.83 -12.44
N GLU A 225 -7.91 -8.20 -12.31
CA GLU A 225 -6.82 -8.79 -11.54
C GLU A 225 -7.17 -8.98 -10.07
N MET A 226 -8.13 -8.21 -9.56
CA MET A 226 -8.51 -8.28 -8.15
C MET A 226 -9.53 -9.38 -7.88
N ALA A 227 -9.65 -10.37 -8.76
CA ALA A 227 -10.70 -11.38 -8.60
C ALA A 227 -10.58 -12.19 -7.31
N PRO A 228 -9.42 -12.67 -6.87
CA PRO A 228 -9.39 -13.49 -5.64
C PRO A 228 -9.81 -12.73 -4.40
N LEU A 229 -9.51 -11.44 -4.31
CA LEU A 229 -9.90 -10.63 -3.17
C LEU A 229 -11.05 -9.68 -3.49
N LEU A 230 -11.75 -9.93 -4.59
CA LEU A 230 -12.87 -9.07 -4.97
C LEU A 230 -13.99 -9.05 -3.95
N PRO A 231 -14.44 -10.17 -3.36
CA PRO A 231 -15.49 -10.07 -2.33
C PRO A 231 -15.11 -9.18 -1.15
N LEU A 232 -13.83 -9.20 -0.76
CA LEU A 232 -13.38 -8.34 0.33
C LEU A 232 -13.43 -6.87 -0.07
N ILE A 233 -13.00 -6.57 -1.30
CA ILE A 233 -13.02 -5.20 -1.78
C ILE A 233 -14.45 -4.67 -1.83
N GLU A 234 -15.38 -5.49 -2.34
CA GLU A 234 -16.78 -5.10 -2.35
C GLU A 234 -17.31 -4.87 -0.94
N SER A 235 -16.90 -5.73 0.01
CA SER A 235 -17.31 -5.55 1.39
C SER A 235 -16.77 -4.26 1.97
N PHE A 236 -15.60 -3.82 1.50
CA PHE A 236 -14.98 -2.61 2.00
C PHE A 236 -15.58 -1.34 1.41
N GLU A 237 -16.60 -1.44 0.57
CA GLU A 237 -17.16 -0.25 -0.09
C GLU A 237 -17.86 0.62 0.94
N LYS A 238 -17.11 1.60 1.45
CA LYS A 238 -17.40 2.50 2.56
C LYS A 238 -16.03 2.93 3.09
N GLN A 239 -15.04 2.09 2.78
CA GLN A 239 -13.63 2.32 3.15
C GLN A 239 -12.66 1.97 2.02
N GLY A 240 -13.12 1.44 0.90
CA GLY A 240 -12.25 1.03 -0.19
C GLY A 240 -12.41 1.87 -1.44
N LYS A 241 -12.92 3.09 -1.26
CA LYS A 241 -12.96 4.14 -2.28
C LYS A 241 -14.03 3.89 -3.33
N ILE A 242 -14.75 4.95 -3.71
CA ILE A 242 -15.78 4.87 -4.73
C ILE A 242 -15.63 6.02 -5.73
N ASN B 13 -25.01 -16.54 -1.28
CA ASN B 13 -26.42 -16.78 -1.01
C ASN B 13 -27.20 -15.46 -1.02
N GLY B 14 -27.14 -14.74 0.09
CA GLY B 14 -27.79 -13.45 0.20
C GLY B 14 -27.11 -12.62 1.27
N THR B 15 -27.59 -11.38 1.41
CA THR B 15 -27.03 -10.45 2.38
C THR B 15 -27.53 -10.82 3.78
N ILE B 16 -26.89 -11.84 4.35
CA ILE B 16 -27.10 -12.20 5.75
C ILE B 16 -25.78 -12.03 6.48
N SER B 17 -25.84 -11.52 7.71
CA SER B 17 -24.64 -11.23 8.47
C SER B 17 -24.10 -12.50 9.12
N ASN B 18 -22.76 -12.58 9.20
CA ASN B 18 -22.08 -13.73 9.77
C ASN B 18 -21.09 -13.25 10.83
N TYR B 19 -21.08 -13.93 11.98
CA TYR B 19 -20.22 -13.61 13.11
C TYR B 19 -19.46 -14.87 13.53
N MET B 20 -18.16 -14.76 13.78
CA MET B 20 -17.41 -15.93 14.18
C MET B 20 -16.57 -15.63 15.41
N TYR B 21 -16.31 -16.68 16.18
CA TYR B 21 -15.53 -16.62 17.40
C TYR B 21 -14.21 -17.33 17.17
N PHE B 22 -13.15 -16.81 17.80
CA PHE B 22 -11.81 -17.29 17.55
C PHE B 22 -11.13 -17.65 18.87
N GLU B 23 -10.18 -18.58 18.78
CA GLU B 23 -9.39 -18.92 19.96
C GLU B 23 -8.57 -17.73 20.43
N ARG B 24 -8.26 -16.79 19.52
CA ARG B 24 -7.58 -15.53 19.83
C ARG B 24 -6.17 -15.74 20.39
N ARG B 25 -5.72 -16.99 20.44
CA ARG B 25 -4.49 -17.43 21.10
C ARG B 25 -3.21 -17.05 20.36
N PRO B 26 -2.38 -16.16 20.93
CA PRO B 26 -1.02 -15.98 20.45
C PRO B 26 -0.04 -17.03 20.93
N ASP B 27 -0.52 -18.08 21.60
CA ASP B 27 0.34 -19.15 22.06
C ASP B 27 0.95 -19.90 20.90
N LEU B 28 2.07 -20.57 21.18
CA LEU B 28 2.80 -21.39 20.19
C LEU B 28 3.13 -20.60 18.94
N LEU B 29 3.16 -19.27 19.06
CA LEU B 29 3.60 -18.39 17.98
C LEU B 29 5.08 -18.08 18.22
N THR B 30 5.94 -18.64 17.38
CA THR B 30 7.38 -18.72 17.58
C THR B 30 8.05 -17.42 18.03
N LYS B 31 7.71 -16.96 19.25
CA LYS B 31 8.38 -15.87 19.94
C LYS B 31 8.71 -14.67 19.05
N GLY B 32 9.61 -14.87 18.08
CA GLY B 32 9.98 -13.79 17.18
C GLY B 32 8.80 -13.22 16.43
N THR B 33 7.89 -14.10 15.97
CA THR B 33 6.70 -13.62 15.28
C THR B 33 5.85 -12.74 16.19
N GLN B 34 5.76 -13.09 17.48
CA GLN B 34 5.06 -12.24 18.43
C GLN B 34 5.73 -10.88 18.54
N ASP B 35 7.07 -10.87 18.59
CA ASP B 35 7.80 -9.61 18.66
C ASP B 35 7.73 -8.86 17.33
N LYS B 36 7.80 -9.58 16.22
CA LYS B 36 7.67 -8.92 14.93
C LYS B 36 6.30 -8.28 14.78
N ALA B 37 5.26 -8.96 15.26
CA ALA B 37 3.91 -8.41 15.15
C ALA B 37 3.78 -7.10 15.93
N ALA B 38 4.47 -7.00 17.07
CA ALA B 38 4.42 -5.75 17.82
C ALA B 38 5.14 -4.63 17.08
N ALA B 39 6.14 -4.97 16.27
CA ALA B 39 6.87 -3.94 15.53
C ALA B 39 6.02 -3.34 14.42
N VAL B 40 5.26 -4.18 13.71
CA VAL B 40 4.43 -3.66 12.63
C VAL B 40 3.30 -2.81 13.19
N LYS B 41 2.77 -3.18 14.37
CA LYS B 41 1.77 -2.35 15.00
C LYS B 41 2.27 -0.92 15.19
N LEU B 42 3.46 -0.76 15.78
CA LEU B 42 4.02 0.57 15.97
C LEU B 42 4.29 1.25 14.65
N LYS B 43 4.89 0.52 13.70
CA LYS B 43 5.28 1.11 12.43
C LYS B 43 4.07 1.56 11.63
N ILE B 44 3.02 0.74 11.57
CA ILE B 44 1.84 1.07 10.78
C ILE B 44 1.11 2.27 11.38
N GLU B 45 0.96 2.28 12.70
CA GLU B 45 0.28 3.40 13.34
C GLU B 45 1.07 4.69 13.16
N ASN B 46 2.40 4.62 13.31
CA ASN B 46 3.23 5.80 13.06
C ASN B 46 3.18 6.20 11.60
N PHE B 47 3.11 5.22 10.69
CA PHE B 47 3.11 5.53 9.26
C PHE B 47 1.85 6.29 8.88
N TYR B 48 0.68 5.78 9.26
CA TYR B 48 -0.57 6.40 8.82
C TYR B 48 -0.84 7.70 9.56
N GLN B 49 -0.42 7.80 10.82
CA GLN B 49 -0.57 9.08 11.51
C GLN B 49 0.30 10.13 10.87
N SER B 50 1.52 9.76 10.46
CA SER B 50 2.38 10.71 9.76
C SER B 50 1.92 10.94 8.33
N SER B 51 1.34 9.92 7.69
CA SER B 51 0.89 10.06 6.30
C SER B 51 -0.21 11.12 6.19
N VAL B 52 -1.17 11.07 7.10
CA VAL B 52 -2.21 12.09 7.15
C VAL B 52 -1.59 13.45 7.48
N LYS B 53 -0.59 13.44 8.36
CA LYS B 53 0.06 14.70 8.74
C LYS B 53 0.77 15.34 7.55
N TYR B 54 1.47 14.52 6.75
CA TYR B 54 2.14 15.05 5.57
C TYR B 54 1.15 15.62 4.58
N ALA B 55 0.04 14.91 4.35
CA ALA B 55 -0.94 15.36 3.36
C ALA B 55 -1.65 16.62 3.84
N ILE B 56 -1.90 16.72 5.14
CA ILE B 56 -2.57 17.91 5.67
C ILE B 56 -1.71 19.14 5.46
N GLU B 57 -0.42 19.06 5.82
CA GLU B 57 0.48 20.19 5.63
C GLU B 57 0.63 20.53 4.16
N ARG B 58 0.71 19.50 3.30
CA ARG B 58 0.83 19.75 1.87
C ARG B 58 -0.35 20.56 1.35
N ASN B 59 -1.56 20.19 1.77
CA ASN B 59 -2.73 20.94 1.35
C ASN B 59 -2.78 22.32 2.00
N GLU B 60 -2.38 22.41 3.27
CA GLU B 60 -2.42 23.69 3.96
C GLU B 60 -1.45 24.69 3.35
N ARG B 61 -0.28 24.22 2.90
CA ARG B 61 0.66 25.12 2.26
C ARG B 61 0.12 25.63 0.93
N ARG B 62 -0.49 24.74 0.13
CA ARG B 62 -0.99 25.14 -1.18
C ARG B 62 -2.15 26.12 -1.04
N VAL B 63 -3.16 25.76 -0.24
CA VAL B 63 -4.33 26.62 -0.11
C VAL B 63 -3.93 27.99 0.44
N GLU B 64 -3.05 28.01 1.44
CA GLU B 64 -2.60 29.28 1.99
C GLU B 64 -1.85 30.11 0.96
N LEU B 65 -1.10 29.46 0.06
CA LEU B 65 -0.43 30.20 -1.00
C LEU B 65 -1.44 30.69 -2.04
N GLU B 66 -2.47 29.88 -2.32
CA GLU B 66 -3.48 30.28 -3.30
C GLU B 66 -4.25 31.50 -2.83
N THR B 67 -4.75 31.47 -1.59
CA THR B 67 -5.47 32.62 -1.07
C THR B 67 -4.56 33.84 -0.97
N GLU B 68 -3.27 33.62 -0.69
CA GLU B 68 -2.33 34.73 -0.62
C GLU B 68 -2.09 35.35 -2.00
N LEU B 69 -2.12 34.55 -3.06
CA LEU B 69 -1.85 35.07 -4.40
C LEU B 69 -3.02 35.86 -4.95
N THR B 70 -4.25 35.42 -4.68
CA THR B 70 -5.41 36.22 -5.08
C THR B 70 -5.52 37.50 -4.28
N SER B 71 -4.80 37.60 -3.16
CA SER B 71 -4.81 38.81 -2.36
C SER B 71 -4.06 39.95 -3.03
N HIS B 72 -3.16 39.65 -3.96
CA HIS B 72 -2.35 40.66 -4.61
C HIS B 72 -2.80 40.96 -6.04
N ASN B 73 -3.94 40.40 -6.46
CA ASN B 73 -4.50 40.64 -7.79
C ASN B 73 -3.50 40.30 -8.89
N TRP B 74 -2.81 39.17 -8.73
CA TRP B 74 -1.85 38.73 -9.73
C TRP B 74 -2.56 38.13 -10.94
N SER B 75 -1.87 38.18 -12.08
CA SER B 75 -2.38 37.50 -13.26
C SER B 75 -2.40 35.99 -13.03
N GLU B 76 -3.37 35.33 -13.65
CA GLU B 76 -3.55 33.90 -13.43
C GLU B 76 -2.32 33.12 -13.85
N GLU B 77 -1.65 33.56 -14.92
CA GLU B 77 -0.45 32.87 -15.36
C GLU B 77 0.70 33.08 -14.37
N ARG B 78 0.71 34.19 -13.65
CA ARG B 78 1.75 34.41 -12.65
C ARG B 78 1.50 33.59 -11.41
N LYS B 79 0.24 33.46 -10.98
CA LYS B 79 -0.08 32.61 -9.85
C LYS B 79 0.29 31.16 -10.12
N SER B 80 -0.03 30.68 -11.32
CA SER B 80 0.27 29.28 -11.65
C SER B 80 1.77 29.01 -11.62
N ARG B 81 2.58 29.97 -12.07
CA ARG B 81 4.02 29.79 -12.01
C ARG B 81 4.51 29.73 -10.56
N GLN B 82 3.93 30.56 -9.69
CA GLN B 82 4.28 30.50 -8.28
C GLN B 82 3.78 29.21 -7.65
N LEU B 83 2.55 28.80 -7.99
CA LEU B 83 2.02 27.55 -7.45
C LEU B 83 2.79 26.35 -8.01
N SER B 84 3.19 26.42 -9.28
CA SER B 84 4.00 25.34 -9.84
C SER B 84 5.40 25.33 -9.24
N SER B 85 5.89 26.51 -8.81
CA SER B 85 7.19 26.56 -8.14
C SER B 85 7.12 25.86 -6.79
N LEU B 86 6.00 25.96 -6.09
CA LEU B 86 5.82 25.21 -4.86
C LEU B 86 5.76 23.72 -5.13
N GLY B 87 5.02 23.31 -6.17
CA GLY B 87 4.90 21.90 -6.49
C GLY B 87 6.23 21.25 -6.82
N LYS B 88 7.12 22.01 -7.48
CA LYS B 88 8.47 21.50 -7.73
C LYS B 88 9.19 21.25 -6.42
N LYS B 89 9.16 22.22 -5.50
CA LYS B 89 9.79 22.03 -4.21
C LYS B 89 9.05 20.98 -3.39
N GLU B 90 7.74 20.87 -3.56
CA GLU B 90 7.02 19.77 -2.95
C GLU B 90 7.46 18.44 -3.54
N SER B 91 7.68 18.41 -4.85
CA SER B 91 8.15 17.17 -5.48
C SER B 91 9.57 16.84 -5.01
N GLN B 92 10.41 17.86 -4.80
CA GLN B 92 11.74 17.61 -4.24
C GLN B 92 11.64 16.96 -2.87
N PHE B 93 10.62 17.35 -2.09
CA PHE B 93 10.46 16.77 -0.76
C PHE B 93 10.13 15.29 -0.85
N LEU B 94 9.30 14.90 -1.82
CA LEU B 94 8.94 13.49 -1.97
C LEU B 94 10.13 12.65 -2.38
N ARG B 95 10.93 13.13 -3.34
CA ARG B 95 12.11 12.38 -3.73
C ARG B 95 13.07 12.23 -2.55
N LEU B 96 13.18 13.29 -1.73
CA LEU B 96 14.07 13.23 -0.57
C LEU B 96 13.57 12.18 0.44
N ARG B 97 12.27 12.17 0.72
CA ARG B 97 11.73 11.20 1.65
C ARG B 97 11.83 9.78 1.11
N ARG B 98 11.84 9.63 -0.22
CA ARG B 98 11.94 8.31 -0.81
C ARG B 98 13.35 7.75 -0.69
N THR B 99 14.37 8.61 -0.76
CA THR B 99 15.75 8.16 -0.56
C THR B 99 15.89 7.57 0.83
N ARG B 100 16.14 6.27 0.92
CA ARG B 100 16.20 5.61 2.22
C ARG B 100 17.14 4.41 2.16
N LEU B 101 17.76 4.14 3.31
CA LEU B 101 18.51 2.92 3.57
C LEU B 101 18.23 2.59 5.04
N SER B 102 17.09 1.98 5.30
CA SER B 102 16.61 1.75 6.65
C SER B 102 16.45 0.25 6.95
#